data_5Z08
#
_entry.id   5Z08
#
_cell.length_a   67.847
_cell.length_b   67.847
_cell.length_c   186.269
_cell.angle_alpha   90.00
_cell.angle_beta   90.00
_cell.angle_gamma   90.00
#
_symmetry.space_group_name_H-M   'P 41'
#
loop_
_entity.id
_entity.type
_entity.pdbx_description
1 polymer Cenp-I
2 polymer Cenp-K
3 polymer Cenp-H
4 water water
#
loop_
_entity_poly.entity_id
_entity_poly.type
_entity_poly.pdbx_seq_one_letter_code
_entity_poly.pdbx_strand_id
1 'polypeptide(L)'
;MVNTEEDGLPRLIDAIEEASKIPAKRRQTPIKPTIEKLTTHLYTHGASPDSLLRLADLLTLRNHLDQASLAAITRNLYPS
STVSDEVVLRFIGALGHGQLKPTLALQALFLRWLVMVYHLLENPGVLGQVYGVLFDLLDTAAIRPQLCHLLALVTRRKHV
RPFRIQAILTLSRQTGGDPNLTGLLRVFKNYYPEIIVGDATKGRASAFKHPDPQWRQHLDEIQQRRSEA
;
A,B
2 'polypeptide(L)'
;RQKDEWAKKTSSLMKQLDWFIGEHLGAMLAAEELGGPVVGELMEIDPDDLSAGFNAHGKLKKATSQPDLDRRQRRIDDIW
GPQDEQGQAHKRKRGADEALAASAEMRDLIEQLMNKLVEAGGDNSATYVEIPRESAAARFLVRSKVAMFHPNDARRLRLV
DFGRDLDD
;
C
3 'polypeptide(L)' HEAEMKSNRRRWRIMKGAASAIVAGSGIDWVRDERLRDLVLDLPD D
#
# COMPACT_ATOMS: atom_id res chain seq x y z
N GLY A 8 4.18 6.78 -25.04
CA GLY A 8 3.91 6.52 -26.45
C GLY A 8 2.81 5.48 -26.69
N LEU A 9 2.45 4.77 -25.61
CA LEU A 9 1.38 3.79 -25.74
C LEU A 9 0.01 4.41 -26.00
N PRO A 10 -0.34 5.60 -25.48
CA PRO A 10 -1.62 6.22 -25.88
C PRO A 10 -1.84 6.32 -27.38
N ARG A 11 -0.85 6.78 -28.14
CA ARG A 11 -1.04 6.98 -29.57
C ARG A 11 -1.31 5.67 -30.30
N LEU A 12 -0.60 4.59 -29.92
CA LEU A 12 -0.85 3.29 -30.51
C LEU A 12 -2.29 2.84 -30.32
N ILE A 13 -2.81 3.01 -29.10
CA ILE A 13 -4.18 2.59 -28.81
C ILE A 13 -5.18 3.44 -29.58
N ASP A 14 -4.98 4.76 -29.60
CA ASP A 14 -5.77 5.65 -30.45
C ASP A 14 -5.94 5.10 -31.85
N ALA A 15 -4.83 4.75 -32.50
CA ALA A 15 -4.91 4.26 -33.87
C ALA A 15 -5.64 2.92 -33.96
N ILE A 16 -5.42 2.05 -32.96
CA ILE A 16 -6.06 0.74 -33.03
C ILE A 16 -7.56 0.87 -32.78
N GLU A 17 -7.94 1.75 -31.86
CA GLU A 17 -9.36 2.05 -31.68
C GLU A 17 -9.99 2.53 -32.99
N GLU A 18 -9.35 3.49 -33.65
CA GLU A 18 -9.93 4.02 -34.89
C GLU A 18 -10.14 2.91 -35.91
N ALA A 19 -9.11 2.09 -36.13
CA ALA A 19 -9.20 1.05 -37.13
C ALA A 19 -10.17 -0.05 -36.73
N SER A 20 -10.36 -0.26 -35.42
CA SER A 20 -11.27 -1.32 -34.97
C SER A 20 -12.71 -1.08 -35.38
N LYS A 21 -13.07 0.16 -35.73
CA LYS A 21 -14.43 0.44 -36.17
C LYS A 21 -14.59 0.37 -37.69
N ILE A 22 -13.55 0.04 -38.43
CA ILE A 22 -13.62 -0.01 -39.89
C ILE A 22 -13.54 -1.47 -40.34
N PRO A 23 -14.54 -1.98 -41.06
CA PRO A 23 -14.41 -3.31 -41.66
C PRO A 23 -13.07 -3.46 -42.38
N ALA A 24 -12.48 -4.66 -42.26
CA ALA A 24 -11.09 -4.85 -42.68
C ALA A 24 -10.90 -4.61 -44.19
N LYS A 25 -11.86 -5.03 -45.00
CA LYS A 25 -11.74 -4.80 -46.45
C LYS A 25 -11.85 -3.33 -46.81
N ARG A 26 -12.43 -2.50 -45.95
CA ARG A 26 -12.56 -1.08 -46.25
C ARG A 26 -11.45 -0.22 -45.65
N ARG A 27 -10.52 -0.82 -44.90
CA ARG A 27 -9.38 -0.04 -44.42
C ARG A 27 -8.48 0.41 -45.57
N GLN A 28 -7.78 1.51 -45.34
CA GLN A 28 -6.86 2.05 -46.33
C GLN A 28 -5.41 1.67 -46.04
N THR A 29 -5.15 1.09 -44.87
CA THR A 29 -3.84 0.62 -44.45
C THR A 29 -4.10 -0.50 -43.45
N PRO A 30 -3.20 -1.49 -43.38
CA PRO A 30 -3.41 -2.57 -42.38
C PRO A 30 -3.21 -2.02 -40.97
N ILE A 31 -3.99 -2.55 -40.02
CA ILE A 31 -3.77 -2.19 -38.63
C ILE A 31 -2.75 -3.13 -37.96
N LYS A 32 -2.51 -4.32 -38.53
CA LYS A 32 -1.66 -5.29 -37.84
C LYS A 32 -0.25 -4.78 -37.51
N PRO A 33 0.46 -4.02 -38.35
CA PRO A 33 1.76 -3.47 -37.91
C PRO A 33 1.68 -2.61 -36.66
N THR A 34 0.61 -1.84 -36.49
CA THR A 34 0.43 -1.06 -35.27
C THR A 34 0.10 -1.98 -34.08
N ILE A 35 -0.67 -3.04 -34.30
CA ILE A 35 -0.93 -3.98 -33.22
C ILE A 35 0.35 -4.66 -32.78
N GLU A 36 1.23 -4.98 -33.73
CA GLU A 36 2.55 -5.52 -33.41
C GLU A 36 3.42 -4.52 -32.64
N LYS A 37 3.32 -3.23 -32.96
CA LYS A 37 4.02 -2.23 -32.14
C LYS A 37 3.42 -2.18 -30.73
N LEU A 38 2.10 -2.33 -30.63
CA LEU A 38 1.43 -2.31 -29.32
C LEU A 38 1.89 -3.48 -28.48
N THR A 39 1.79 -4.65 -29.08
CA THR A 39 2.16 -5.91 -28.47
C THR A 39 3.61 -5.89 -27.98
N THR A 40 4.52 -5.29 -28.78
CA THR A 40 5.92 -5.19 -28.38
C THR A 40 6.09 -4.22 -27.23
N HIS A 41 5.37 -3.11 -27.27
CA HIS A 41 5.43 -2.16 -26.16
C HIS A 41 4.90 -2.80 -24.86
N LEU A 42 3.82 -3.57 -24.94
CA LEU A 42 3.24 -4.22 -23.77
C LEU A 42 4.24 -5.19 -23.14
N TYR A 43 4.83 -6.04 -23.99
CA TYR A 43 5.83 -7.00 -23.53
C TYR A 43 7.00 -6.31 -22.84
N THR A 44 7.35 -5.11 -23.28
CA THR A 44 8.51 -4.42 -22.74
C THR A 44 8.18 -3.64 -21.48
N HIS A 45 7.05 -2.94 -21.47
CA HIS A 45 6.74 -2.02 -20.38
C HIS A 45 5.47 -2.36 -19.62
N GLY A 46 4.65 -3.27 -20.12
CA GLY A 46 3.36 -3.48 -19.51
C GLY A 46 2.38 -2.35 -19.79
N ALA A 47 1.23 -2.43 -19.11
CA ALA A 47 0.11 -1.51 -19.32
C ALA A 47 -0.30 -0.91 -17.99
N SER A 48 -0.27 0.43 -17.89
CA SER A 48 -0.73 1.16 -16.73
C SER A 48 -2.23 0.93 -16.53
N PRO A 49 -2.77 1.27 -15.34
CA PRO A 49 -4.22 1.08 -15.11
C PRO A 49 -5.11 1.72 -16.15
N ASP A 50 -4.79 2.94 -16.58
CA ASP A 50 -5.64 3.60 -17.56
C ASP A 50 -5.51 2.97 -18.94
N SER A 51 -4.31 2.51 -19.31
CA SER A 51 -4.19 1.81 -20.58
C SER A 51 -4.92 0.47 -20.53
N LEU A 52 -4.90 -0.18 -19.36
CA LEU A 52 -5.60 -1.46 -19.23
C LEU A 52 -7.09 -1.31 -19.53
N LEU A 53 -7.70 -0.23 -19.06
CA LEU A 53 -9.13 -0.03 -19.27
C LEU A 53 -9.44 0.11 -20.76
N ARG A 54 -8.64 0.90 -21.47
CA ARG A 54 -8.83 1.06 -22.91
C ARG A 54 -8.64 -0.26 -23.65
N LEU A 55 -7.62 -1.05 -23.28
CA LEU A 55 -7.40 -2.33 -23.95
C LEU A 55 -8.54 -3.30 -23.67
N ALA A 56 -9.03 -3.30 -22.43
CA ALA A 56 -10.16 -4.16 -22.06
C ALA A 56 -11.37 -3.81 -22.92
N ASP A 57 -11.60 -2.52 -23.15
CA ASP A 57 -12.65 -2.10 -24.08
C ASP A 57 -12.41 -2.66 -25.48
N LEU A 58 -11.17 -2.63 -25.98
CA LEU A 58 -10.89 -3.17 -27.30
C LEU A 58 -11.17 -4.66 -27.36
N LEU A 59 -10.88 -5.37 -26.26
CA LEU A 59 -10.97 -6.81 -26.25
C LEU A 59 -12.38 -7.31 -26.03
N THR A 60 -13.28 -6.49 -25.48
CA THR A 60 -14.58 -6.97 -25.06
C THR A 60 -15.74 -6.41 -25.87
N LEU A 61 -15.62 -5.20 -26.42
CA LEU A 61 -16.67 -4.66 -27.29
C LEU A 61 -16.55 -5.24 -28.70
N ARG A 62 -17.68 -5.39 -29.37
CA ARG A 62 -17.69 -5.84 -30.76
C ARG A 62 -17.03 -4.81 -31.65
N ASN A 63 -16.00 -5.24 -32.38
CA ASN A 63 -15.37 -4.40 -33.38
C ASN A 63 -14.95 -5.30 -34.55
N HIS A 64 -14.17 -4.73 -35.47
CA HIS A 64 -13.74 -5.40 -36.68
C HIS A 64 -12.30 -5.89 -36.64
N LEU A 65 -11.65 -5.86 -35.47
CA LEU A 65 -10.35 -6.52 -35.33
C LEU A 65 -10.50 -8.04 -35.48
N ASP A 66 -9.48 -8.67 -36.05
CA ASP A 66 -9.58 -10.10 -36.27
C ASP A 66 -9.22 -10.86 -35.00
N GLN A 67 -9.64 -12.13 -34.96
CA GLN A 67 -9.42 -12.93 -33.75
C GLN A 67 -7.94 -13.07 -33.43
N ALA A 68 -7.09 -13.22 -34.45
CA ALA A 68 -5.65 -13.36 -34.21
C ALA A 68 -5.10 -12.13 -33.51
N SER A 69 -5.53 -10.95 -33.94
CA SER A 69 -5.05 -9.72 -33.31
C SER A 69 -5.57 -9.56 -31.88
N LEU A 70 -6.83 -9.95 -31.64
CA LEU A 70 -7.35 -9.88 -30.27
C LEU A 70 -6.60 -10.83 -29.34
N ALA A 71 -6.36 -12.07 -29.79
CA ALA A 71 -5.61 -13.01 -28.97
C ALA A 71 -4.20 -12.50 -28.69
N ALA A 72 -3.53 -11.91 -29.69
CA ALA A 72 -2.15 -11.47 -29.49
C ALA A 72 -2.07 -10.36 -28.45
N ILE A 73 -3.05 -9.47 -28.41
CA ILE A 73 -3.07 -8.44 -27.38
C ILE A 73 -3.33 -9.08 -26.02
N THR A 74 -4.28 -10.02 -25.94
CA THR A 74 -4.56 -10.68 -24.66
C THR A 74 -3.31 -11.38 -24.14
N ARG A 75 -2.61 -12.11 -25.02
CA ARG A 75 -1.41 -12.82 -24.59
C ARG A 75 -0.29 -11.89 -24.16
N ASN A 76 -0.39 -10.59 -24.45
CA ASN A 76 0.64 -9.64 -24.09
C ASN A 76 0.14 -8.61 -23.09
N LEU A 77 -1.02 -8.85 -22.48
CA LEU A 77 -1.68 -7.88 -21.61
C LEU A 77 -1.08 -7.91 -20.19
N TYR A 78 0.22 -7.58 -20.11
CA TYR A 78 0.93 -7.57 -18.84
C TYR A 78 0.64 -6.27 -18.13
N PRO A 79 -0.03 -6.31 -16.98
CA PRO A 79 -0.22 -5.07 -16.22
C PRO A 79 1.10 -4.61 -15.64
N SER A 80 1.40 -3.34 -15.81
CA SER A 80 2.25 -2.71 -14.82
C SER A 80 1.34 -2.28 -13.68
N SER A 81 1.91 -2.22 -12.48
CA SER A 81 1.14 -2.10 -11.22
C SER A 81 -0.16 -2.93 -11.23
N THR A 82 -1.32 -2.31 -10.99
CA THR A 82 -2.50 -3.01 -10.49
C THR A 82 -3.57 -3.22 -11.55
N VAL A 83 -4.57 -4.04 -11.21
CA VAL A 83 -5.76 -4.25 -12.04
C VAL A 83 -6.98 -3.71 -11.30
N SER A 84 -7.65 -2.74 -11.90
CA SER A 84 -8.77 -2.09 -11.24
C SER A 84 -10.05 -2.94 -11.35
N ASP A 85 -11.04 -2.59 -10.54
CA ASP A 85 -12.33 -3.26 -10.61
C ASP A 85 -13.02 -3.04 -11.94
N GLU A 86 -12.96 -1.80 -12.46
CA GLU A 86 -13.61 -1.52 -13.74
C GLU A 86 -13.02 -2.38 -14.84
N VAL A 87 -11.71 -2.60 -14.83
CA VAL A 87 -11.11 -3.52 -15.79
C VAL A 87 -11.68 -4.93 -15.60
N VAL A 88 -11.67 -5.41 -14.35
CA VAL A 88 -12.17 -6.76 -14.09
C VAL A 88 -13.61 -6.88 -14.56
N LEU A 89 -14.43 -5.87 -14.25
CA LEU A 89 -15.84 -5.98 -14.57
C LEU A 89 -16.10 -5.89 -16.07
N ARG A 90 -15.24 -5.20 -16.82
CA ARG A 90 -15.38 -5.22 -18.28
C ARG A 90 -15.24 -6.65 -18.80
N PHE A 91 -14.23 -7.36 -18.30
CA PHE A 91 -14.07 -8.75 -18.72
C PHE A 91 -15.23 -9.62 -18.25
N ILE A 92 -15.63 -9.49 -16.97
CA ILE A 92 -16.73 -10.31 -16.47
C ILE A 92 -17.97 -10.12 -17.32
N GLY A 93 -18.31 -8.86 -17.62
CA GLY A 93 -19.50 -8.58 -18.40
C GLY A 93 -19.45 -9.11 -19.83
N ALA A 94 -18.29 -9.56 -20.30
CA ALA A 94 -18.14 -10.09 -21.64
C ALA A 94 -18.33 -11.61 -21.73
N LEU A 95 -18.51 -12.28 -20.59
CA LEU A 95 -18.56 -13.74 -20.56
C LEU A 95 -19.95 -14.27 -20.90
N GLY A 96 -19.99 -15.47 -21.47
CA GLY A 96 -21.26 -16.08 -21.80
C GLY A 96 -21.73 -15.78 -23.23
N HIS A 97 -22.98 -16.15 -23.49
CA HIS A 97 -23.61 -15.99 -24.80
C HIS A 97 -24.33 -14.65 -24.90
N GLY A 98 -24.15 -13.98 -26.03
CA GLY A 98 -24.83 -12.71 -26.27
C GLY A 98 -24.38 -12.03 -27.55
N GLN A 99 -25.27 -11.23 -28.13
CA GLN A 99 -25.00 -10.60 -29.42
C GLN A 99 -23.77 -9.71 -29.39
N LEU A 100 -23.45 -9.12 -28.24
CA LEU A 100 -22.35 -8.18 -28.16
C LEU A 100 -21.08 -8.79 -27.59
N LYS A 101 -21.14 -10.07 -27.17
CA LYS A 101 -20.03 -10.66 -26.43
C LYS A 101 -18.99 -11.23 -27.38
N PRO A 102 -17.76 -11.33 -26.93
CA PRO A 102 -16.70 -11.92 -27.77
C PRO A 102 -16.79 -13.43 -27.91
N THR A 103 -15.90 -14.00 -28.71
CA THR A 103 -15.88 -15.45 -28.90
C THR A 103 -15.55 -16.19 -27.62
N LEU A 104 -16.03 -17.42 -27.52
CA LEU A 104 -15.73 -18.22 -26.32
C LEU A 104 -14.23 -18.46 -26.21
N ALA A 105 -13.54 -18.59 -27.37
CA ALA A 105 -12.09 -18.78 -27.34
C ALA A 105 -11.39 -17.57 -26.72
N LEU A 106 -11.88 -16.37 -27.00
CA LEU A 106 -11.28 -15.20 -26.37
C LEU A 106 -11.67 -15.13 -24.90
N GLN A 107 -12.93 -15.47 -24.60
CA GLN A 107 -13.37 -15.53 -23.21
C GLN A 107 -12.49 -16.47 -22.40
N ALA A 108 -12.08 -17.59 -22.99
CA ALA A 108 -11.20 -18.53 -22.28
C ALA A 108 -9.87 -17.87 -21.94
N LEU A 109 -9.31 -17.06 -22.87
CA LEU A 109 -8.08 -16.33 -22.61
C LEU A 109 -8.28 -15.22 -21.59
N PHE A 110 -9.45 -14.58 -21.56
CA PHE A 110 -9.75 -13.60 -20.51
C PHE A 110 -9.73 -14.24 -19.13
N LEU A 111 -10.37 -15.40 -19.00
CA LEU A 111 -10.40 -16.09 -17.72
C LEU A 111 -9.01 -16.61 -17.33
N ARG A 112 -8.25 -17.09 -18.31
CA ARG A 112 -6.84 -17.40 -18.05
C ARG A 112 -6.11 -16.17 -17.52
N TRP A 113 -6.37 -15.00 -18.12
CA TRP A 113 -5.71 -13.76 -17.71
C TRP A 113 -6.09 -13.39 -16.27
N LEU A 114 -7.39 -13.42 -15.96
CA LEU A 114 -7.83 -13.10 -14.59
C LEU A 114 -7.12 -13.97 -13.55
N VAL A 115 -6.98 -15.27 -13.83
CA VAL A 115 -6.22 -16.15 -12.95
C VAL A 115 -4.78 -15.63 -12.80
N MET A 116 -4.14 -15.34 -13.94
CA MET A 116 -2.73 -14.96 -13.89
C MET A 116 -2.50 -13.59 -13.28
N VAL A 117 -3.49 -12.70 -13.25
CA VAL A 117 -3.33 -11.40 -12.61
C VAL A 117 -4.12 -11.29 -11.31
N TYR A 118 -4.68 -12.41 -10.82
CA TYR A 118 -5.49 -12.37 -9.60
C TYR A 118 -4.75 -11.66 -8.46
N HIS A 119 -3.45 -11.92 -8.30
CA HIS A 119 -2.70 -11.29 -7.21
C HIS A 119 -2.50 -9.80 -7.41
N LEU A 120 -2.88 -9.25 -8.56
CA LEU A 120 -2.68 -7.84 -8.86
C LEU A 120 -3.98 -7.04 -8.76
N LEU A 121 -5.11 -7.68 -8.48
CA LEU A 121 -6.35 -6.93 -8.36
C LEU A 121 -6.24 -5.94 -7.20
N GLU A 122 -6.66 -4.69 -7.45
CA GLU A 122 -6.73 -3.71 -6.37
C GLU A 122 -7.68 -4.18 -5.29
N ASN A 123 -8.73 -4.90 -5.67
CA ASN A 123 -9.80 -5.29 -4.77
C ASN A 123 -10.23 -6.68 -5.21
N PRO A 124 -9.50 -7.72 -4.79
CA PRO A 124 -9.86 -9.08 -5.22
C PRO A 124 -11.28 -9.45 -4.88
N GLY A 125 -11.82 -8.93 -3.78
CA GLY A 125 -13.21 -9.14 -3.41
C GLY A 125 -14.20 -8.87 -4.52
N VAL A 126 -13.82 -8.05 -5.52
CA VAL A 126 -14.74 -7.73 -6.60
C VAL A 126 -15.26 -9.00 -7.27
N LEU A 127 -14.40 -10.00 -7.41
CA LEU A 127 -14.81 -11.24 -8.06
C LEU A 127 -15.80 -12.02 -7.20
N GLY A 128 -15.74 -11.83 -5.88
CA GLY A 128 -16.72 -12.46 -5.03
C GLY A 128 -18.11 -11.88 -5.22
N GLN A 129 -18.18 -10.59 -5.56
CA GLN A 129 -19.47 -9.96 -5.78
C GLN A 129 -20.13 -10.40 -7.08
N VAL A 130 -19.37 -10.99 -8.01
CA VAL A 130 -19.96 -11.51 -9.25
C VAL A 130 -19.84 -13.04 -9.31
N TYR A 131 -19.83 -13.69 -8.14
CA TYR A 131 -19.62 -15.13 -8.09
C TYR A 131 -20.67 -15.88 -8.91
N GLY A 132 -21.94 -15.48 -8.80
CA GLY A 132 -22.98 -16.17 -9.53
C GLY A 132 -22.75 -16.15 -11.03
N VAL A 133 -22.31 -14.99 -11.57
CA VAL A 133 -22.07 -14.86 -12.99
C VAL A 133 -21.07 -15.92 -13.45
N LEU A 134 -19.97 -16.06 -12.73
CA LEU A 134 -18.97 -17.07 -13.07
C LEU A 134 -19.56 -18.48 -12.93
N PHE A 135 -20.19 -18.76 -11.79
CA PHE A 135 -20.60 -20.13 -11.51
C PHE A 135 -21.68 -20.60 -12.47
N ASP A 136 -22.54 -19.67 -12.91
CA ASP A 136 -23.62 -20.00 -13.85
C ASP A 136 -23.10 -20.39 -15.23
N LEU A 137 -21.86 -20.09 -15.55
CA LEU A 137 -21.28 -20.43 -16.84
C LEU A 137 -20.60 -21.79 -16.88
N LEU A 138 -20.64 -22.55 -15.77
CA LEU A 138 -19.87 -23.80 -15.69
C LEU A 138 -20.29 -24.82 -16.75
N ASP A 139 -21.54 -24.79 -17.22
CA ASP A 139 -21.93 -25.80 -18.20
C ASP A 139 -21.36 -25.53 -19.59
N THR A 140 -20.73 -24.38 -19.81
CA THR A 140 -20.13 -24.04 -21.09
C THR A 140 -18.76 -24.69 -21.18
N ALA A 141 -18.68 -25.80 -21.92
CA ALA A 141 -17.41 -26.53 -22.00
C ALA A 141 -16.26 -25.67 -22.53
N ALA A 142 -16.56 -24.70 -23.39
CA ALA A 142 -15.46 -24.01 -24.06
C ALA A 142 -14.64 -23.15 -23.10
N ILE A 143 -15.17 -22.79 -21.93
CA ILE A 143 -14.42 -22.01 -20.95
C ILE A 143 -14.38 -22.68 -19.58
N ARG A 144 -14.82 -23.95 -19.49
CA ARG A 144 -14.90 -24.61 -18.19
C ARG A 144 -13.56 -24.75 -17.49
N PRO A 145 -12.48 -25.19 -18.15
CA PRO A 145 -11.21 -25.32 -17.41
C PRO A 145 -10.73 -24.02 -16.80
N GLN A 146 -10.91 -22.91 -17.51
CA GLN A 146 -10.46 -21.63 -16.98
C GLN A 146 -11.41 -21.11 -15.92
N LEU A 147 -12.72 -21.30 -16.10
CA LEU A 147 -13.69 -20.97 -15.07
C LEU A 147 -13.37 -21.68 -13.76
N CYS A 148 -13.13 -22.99 -13.82
CA CYS A 148 -12.91 -23.77 -12.60
C CYS A 148 -11.73 -23.24 -11.82
N HIS A 149 -10.65 -22.90 -12.51
CA HIS A 149 -9.46 -22.35 -11.84
C HIS A 149 -9.79 -21.03 -11.15
N LEU A 150 -10.49 -20.14 -11.85
CA LEU A 150 -10.83 -18.85 -11.25
C LEU A 150 -11.77 -19.02 -10.06
N LEU A 151 -12.84 -19.80 -10.27
CA LEU A 151 -13.75 -20.17 -9.18
C LEU A 151 -13.01 -20.73 -7.99
N ALA A 152 -12.04 -21.61 -8.25
CA ALA A 152 -11.29 -22.20 -7.14
C ALA A 152 -10.58 -21.11 -6.34
N LEU A 153 -10.04 -20.09 -7.01
CA LEU A 153 -9.35 -19.01 -6.30
C LEU A 153 -10.33 -18.08 -5.57
N VAL A 154 -11.51 -17.87 -6.14
CA VAL A 154 -12.43 -16.83 -5.67
C VAL A 154 -13.44 -17.35 -4.63
N THR A 155 -13.78 -18.64 -4.65
CA THR A 155 -14.85 -19.10 -3.77
C THR A 155 -14.46 -18.96 -2.30
N ARG A 156 -15.39 -18.44 -1.52
CA ARG A 156 -15.33 -18.36 -0.08
C ARG A 156 -16.51 -19.15 0.50
N ARG A 157 -16.56 -19.26 1.83
CA ARG A 157 -17.59 -20.10 2.45
C ARG A 157 -18.99 -19.61 2.11
N LYS A 158 -19.20 -18.29 2.08
CA LYS A 158 -20.49 -17.70 1.75
C LYS A 158 -21.03 -18.17 0.39
N HIS A 159 -20.14 -18.55 -0.54
CA HIS A 159 -20.58 -18.95 -1.88
C HIS A 159 -21.01 -20.40 -1.95
N VAL A 160 -20.67 -21.22 -0.96
CA VAL A 160 -20.89 -22.68 -1.06
C VAL A 160 -22.26 -22.95 -0.47
N ARG A 161 -23.29 -22.64 -1.24
CA ARG A 161 -24.68 -22.87 -0.84
C ARG A 161 -25.13 -24.25 -1.32
N PRO A 162 -26.18 -24.82 -0.71
CA PRO A 162 -26.58 -26.20 -1.09
C PRO A 162 -26.86 -26.38 -2.58
N PHE A 163 -27.49 -25.39 -3.24
CA PHE A 163 -27.82 -25.54 -4.65
C PHE A 163 -26.57 -25.52 -5.54
N ARG A 164 -25.49 -24.89 -5.10
CA ARG A 164 -24.27 -24.87 -5.91
C ARG A 164 -23.51 -26.18 -5.78
N ILE A 165 -23.50 -26.76 -4.58
CA ILE A 165 -22.94 -28.10 -4.39
C ILE A 165 -23.65 -29.11 -5.30
N GLN A 166 -24.98 -29.07 -5.32
CA GLN A 166 -25.71 -30.03 -6.14
C GLN A 166 -25.46 -29.82 -7.64
N ALA A 167 -25.40 -28.56 -8.09
CA ALA A 167 -25.17 -28.33 -9.51
C ALA A 167 -23.79 -28.82 -9.94
N ILE A 168 -22.81 -28.67 -9.07
CA ILE A 168 -21.47 -29.14 -9.42
C ILE A 168 -21.44 -30.67 -9.45
N LEU A 169 -22.21 -31.33 -8.58
CA LEU A 169 -22.24 -32.79 -8.62
C LEU A 169 -23.08 -33.28 -9.80
N THR A 170 -24.17 -32.57 -10.13
CA THR A 170 -24.95 -32.94 -11.30
C THR A 170 -24.11 -32.79 -12.57
N LEU A 171 -23.42 -31.65 -12.69
CA LEU A 171 -22.58 -31.42 -13.86
C LEU A 171 -21.45 -32.43 -13.93
N SER A 172 -20.87 -32.78 -12.76
CA SER A 172 -19.81 -33.76 -12.75
C SER A 172 -20.31 -35.14 -13.18
N ARG A 173 -21.53 -35.51 -12.75
CA ARG A 173 -22.09 -36.78 -13.21
C ARG A 173 -22.35 -36.75 -14.72
N GLN A 174 -22.93 -35.67 -15.22
CA GLN A 174 -23.38 -35.65 -16.62
C GLN A 174 -22.23 -35.62 -17.61
N THR A 175 -21.06 -35.09 -17.20
CA THR A 175 -19.89 -35.04 -18.08
C THR A 175 -19.01 -36.28 -18.01
N GLY A 176 -19.38 -37.31 -17.25
CA GLY A 176 -18.40 -38.35 -16.97
C GLY A 176 -17.37 -37.82 -15.98
N GLY A 177 -16.14 -38.32 -16.10
CA GLY A 177 -15.06 -37.70 -15.34
C GLY A 177 -14.71 -36.34 -15.94
N ASP A 178 -14.65 -35.30 -15.08
CA ASP A 178 -14.00 -34.05 -15.50
C ASP A 178 -13.11 -33.53 -14.40
N PRO A 179 -11.78 -33.62 -14.56
CA PRO A 179 -10.88 -33.28 -13.44
C PRO A 179 -10.93 -31.82 -13.03
N ASN A 180 -11.41 -30.92 -13.89
CA ASN A 180 -11.51 -29.52 -13.47
C ASN A 180 -12.68 -29.31 -12.51
N LEU A 181 -13.78 -30.03 -12.76
CA LEU A 181 -14.90 -30.07 -11.81
C LEU A 181 -14.51 -30.79 -10.52
N THR A 182 -13.82 -31.93 -10.63
CA THR A 182 -13.32 -32.60 -9.43
C THR A 182 -12.46 -31.64 -8.60
N GLY A 183 -11.63 -30.85 -9.28
CA GLY A 183 -10.77 -29.91 -8.57
C GLY A 183 -11.55 -28.83 -7.86
N LEU A 184 -12.60 -28.31 -8.50
CA LEU A 184 -13.39 -27.28 -7.82
C LEU A 184 -14.23 -27.89 -6.69
N LEU A 185 -14.71 -29.12 -6.86
CA LEU A 185 -15.42 -29.76 -5.76
C LEU A 185 -14.49 -30.00 -4.57
N ARG A 186 -13.20 -30.28 -4.83
CA ARG A 186 -12.26 -30.40 -3.73
C ARG A 186 -12.18 -29.09 -2.93
N VAL A 187 -12.20 -27.95 -3.63
CA VAL A 187 -12.22 -26.67 -2.93
C VAL A 187 -13.51 -26.50 -2.13
N PHE A 188 -14.65 -26.88 -2.72
CA PHE A 188 -15.90 -26.77 -1.97
C PHE A 188 -15.87 -27.62 -0.69
N LYS A 189 -15.00 -28.62 -0.63
CA LYS A 189 -15.03 -29.59 0.46
C LYS A 189 -14.14 -29.21 1.64
N ASN A 190 -13.33 -28.16 1.52
CA ASN A 190 -12.69 -27.60 2.70
C ASN A 190 -13.73 -26.91 3.59
N TYR A 191 -14.58 -26.10 2.98
CA TYR A 191 -15.59 -25.35 3.74
C TYR A 191 -16.62 -26.27 4.38
N TYR A 192 -17.25 -27.15 3.59
CA TYR A 192 -18.18 -28.11 4.20
C TYR A 192 -17.58 -29.52 4.26
N PRO A 193 -17.81 -30.29 5.35
CA PRO A 193 -17.40 -31.70 5.33
C PRO A 193 -18.27 -32.63 4.49
N GLU A 194 -19.60 -32.43 4.52
CA GLU A 194 -20.58 -33.47 4.17
C GLU A 194 -21.00 -33.43 2.70
N ILE A 195 -20.25 -34.16 1.86
CA ILE A 195 -20.80 -34.71 0.62
C ILE A 195 -19.72 -35.53 -0.06
N ILE A 196 -20.12 -36.30 -1.08
CA ILE A 196 -19.28 -37.31 -1.73
C ILE A 196 -17.96 -36.70 -2.20
N VAL A 197 -16.86 -37.37 -1.88
CA VAL A 197 -15.52 -36.92 -2.19
C VAL A 197 -15.24 -37.00 -3.69
N SER A 206 -7.38 -32.65 -9.50
CA SER A 206 -6.51 -31.79 -10.31
C SER A 206 -6.20 -30.46 -9.63
N ALA A 207 -5.15 -30.44 -8.79
CA ALA A 207 -4.64 -29.19 -8.26
C ALA A 207 -4.34 -28.22 -9.40
N PHE A 208 -4.87 -27.00 -9.28
CA PHE A 208 -4.76 -26.00 -10.34
C PHE A 208 -3.37 -25.37 -10.27
N LYS A 209 -2.52 -25.70 -11.23
CA LYS A 209 -1.21 -25.07 -11.36
C LYS A 209 -1.33 -23.83 -12.24
N HIS A 210 -0.31 -22.98 -12.20
CA HIS A 210 -0.34 -21.76 -12.99
C HIS A 210 -0.35 -22.12 -14.47
N PRO A 211 -1.23 -21.53 -15.27
CA PRO A 211 -1.41 -22.01 -16.66
C PRO A 211 -0.23 -21.75 -17.59
N ASP A 212 0.71 -20.85 -17.25
CA ASP A 212 1.82 -20.57 -18.15
C ASP A 212 2.97 -19.96 -17.34
N PRO A 213 3.90 -20.80 -16.88
CA PRO A 213 5.02 -20.26 -16.08
C PRO A 213 5.83 -19.21 -16.80
N GLN A 214 5.91 -19.27 -18.13
CA GLN A 214 6.71 -18.28 -18.85
C GLN A 214 6.08 -16.90 -18.75
N TRP A 215 4.78 -16.81 -19.01
CA TRP A 215 4.04 -15.57 -18.77
C TRP A 215 4.25 -15.08 -17.34
N ARG A 216 4.07 -15.96 -16.36
CA ARG A 216 4.20 -15.57 -14.96
C ARG A 216 5.58 -14.99 -14.69
N GLN A 217 6.62 -15.65 -15.19
CA GLN A 217 7.98 -15.15 -14.99
C GLN A 217 8.15 -13.78 -15.63
N HIS A 218 7.61 -13.59 -16.84
CA HIS A 218 7.77 -12.30 -17.50
C HIS A 218 7.01 -11.21 -16.77
N LEU A 219 5.79 -11.52 -16.32
CA LEU A 219 5.01 -10.56 -15.55
C LEU A 219 5.76 -10.10 -14.30
N ASP A 220 6.34 -11.06 -13.57
CA ASP A 220 7.11 -10.77 -12.36
C ASP A 220 8.24 -9.79 -12.64
N GLU A 221 8.98 -9.99 -13.74
CA GLU A 221 10.08 -9.06 -14.04
C GLU A 221 9.58 -7.65 -14.35
N ILE A 222 8.48 -7.52 -15.10
CA ILE A 222 7.88 -6.21 -15.30
C ILE A 222 7.45 -5.62 -13.96
N GLN A 223 6.81 -6.44 -13.11
CA GLN A 223 6.31 -5.94 -11.82
C GLN A 223 7.44 -5.47 -10.92
N GLN A 224 8.63 -6.09 -11.01
CA GLN A 224 9.77 -5.68 -10.19
C GLN A 224 10.12 -4.20 -10.31
N ARG A 225 9.68 -3.53 -11.39
CA ARG A 225 10.00 -2.12 -11.51
C ARG A 225 9.22 -1.25 -10.52
N ARG A 226 8.13 -1.76 -9.94
CA ARG A 226 7.40 -0.98 -8.96
C ARG A 226 8.21 -0.72 -7.68
N SER A 227 9.31 -1.43 -7.45
CA SER A 227 10.10 -1.22 -6.25
C SER A 227 11.15 -0.14 -6.43
N GLU A 228 11.28 0.38 -7.65
CA GLU A 228 12.29 1.38 -7.96
C GLU A 228 11.61 2.74 -8.18
N ALA A 229 12.35 3.80 -7.86
CA ALA A 229 11.81 5.14 -8.00
C ALA A 229 12.83 6.09 -8.61
N GLY B 8 2.30 -25.87 11.57
CA GLY B 8 3.64 -25.94 12.17
C GLY B 8 4.21 -24.60 12.61
N LEU B 9 3.94 -23.55 11.83
CA LEU B 9 4.50 -22.24 12.17
C LEU B 9 3.91 -21.62 13.42
N PRO B 10 2.59 -21.59 13.63
CA PRO B 10 2.05 -20.92 14.83
C PRO B 10 2.56 -21.52 16.14
N ARG B 11 2.93 -22.80 16.15
CA ARG B 11 3.53 -23.38 17.34
C ARG B 11 4.88 -22.73 17.66
N LEU B 12 5.69 -22.48 16.63
CA LEU B 12 6.99 -21.84 16.82
C LEU B 12 6.84 -20.41 17.32
N ILE B 13 5.89 -19.66 16.79
CA ILE B 13 5.69 -18.30 17.27
C ILE B 13 5.20 -18.31 18.72
N ASP B 14 4.33 -19.26 19.05
CA ASP B 14 3.88 -19.37 20.43
C ASP B 14 5.05 -19.60 21.38
N ALA B 15 6.06 -20.34 20.94
CA ALA B 15 7.25 -20.55 21.77
C ALA B 15 8.07 -19.27 21.86
N ILE B 16 8.36 -18.66 20.70
CA ILE B 16 9.14 -17.44 20.69
C ILE B 16 8.46 -16.37 21.55
N GLU B 17 7.12 -16.29 21.48
CA GLU B 17 6.39 -15.31 22.29
C GLU B 17 6.63 -15.54 23.78
N GLU B 18 6.56 -16.80 24.23
CA GLU B 18 6.77 -17.09 25.65
C GLU B 18 8.19 -16.77 26.08
N ALA B 19 9.19 -17.23 25.31
CA ALA B 19 10.57 -16.88 25.60
C ALA B 19 10.79 -15.37 25.53
N SER B 20 10.04 -14.68 24.69
CA SER B 20 10.14 -13.22 24.56
C SER B 20 9.83 -12.49 25.87
N LYS B 21 9.11 -13.14 26.79
CA LYS B 21 8.63 -12.54 28.02
C LYS B 21 9.58 -12.69 29.19
N ILE B 22 10.62 -13.50 29.07
CA ILE B 22 11.49 -13.75 30.22
C ILE B 22 12.96 -13.64 29.80
N PRO B 23 13.85 -13.14 30.68
CA PRO B 23 15.24 -12.89 30.29
C PRO B 23 15.97 -14.17 29.90
N ALA B 24 17.01 -14.00 29.08
CA ALA B 24 17.65 -15.13 28.42
C ALA B 24 18.24 -16.14 29.41
N LYS B 25 18.86 -15.67 30.48
CA LYS B 25 19.51 -16.62 31.38
C LYS B 25 18.52 -17.38 32.27
N ARG B 26 17.27 -16.92 32.37
CA ARG B 26 16.22 -17.63 33.09
C ARG B 26 15.44 -18.60 32.20
N ARG B 27 15.79 -18.70 30.92
CA ARG B 27 15.11 -19.60 30.00
C ARG B 27 15.54 -21.04 30.27
N GLN B 28 14.57 -21.94 30.37
CA GLN B 28 14.91 -23.34 30.58
C GLN B 28 15.49 -24.02 29.34
N THR B 29 15.60 -23.31 28.22
CA THR B 29 16.17 -23.82 26.97
C THR B 29 16.80 -22.66 26.21
N PRO B 30 17.92 -22.87 25.52
CA PRO B 30 18.42 -21.85 24.60
C PRO B 30 17.44 -21.61 23.46
N ILE B 31 17.24 -20.35 23.11
CA ILE B 31 16.25 -20.04 22.08
C ILE B 31 16.81 -20.16 20.67
N LYS B 32 18.11 -19.95 20.48
CA LYS B 32 18.70 -20.01 19.14
C LYS B 32 18.22 -21.21 18.32
N PRO B 33 18.13 -22.44 18.85
CA PRO B 33 17.56 -23.54 18.04
C PRO B 33 16.14 -23.28 17.58
N THR B 34 15.29 -22.67 18.41
CA THR B 34 13.92 -22.42 18.01
C THR B 34 13.80 -21.22 17.08
N ILE B 35 14.70 -20.24 17.20
CA ILE B 35 14.70 -19.13 16.24
C ILE B 35 15.11 -19.64 14.86
N GLU B 36 16.03 -20.61 14.81
CA GLU B 36 16.46 -21.13 13.51
C GLU B 36 15.40 -21.99 12.84
N LYS B 37 14.59 -22.72 13.63
CA LYS B 37 13.45 -23.41 13.05
C LYS B 37 12.47 -22.42 12.41
N LEU B 38 12.17 -21.34 13.12
CA LEU B 38 11.26 -20.33 12.59
C LEU B 38 11.83 -19.71 11.32
N THR B 39 13.10 -19.31 11.38
CA THR B 39 13.78 -18.77 10.21
C THR B 39 13.67 -19.71 9.02
N THR B 40 13.93 -21.00 9.24
CA THR B 40 13.85 -21.96 8.15
C THR B 40 12.43 -22.11 7.62
N HIS B 41 11.43 -22.16 8.52
CA HIS B 41 10.05 -22.27 8.05
C HIS B 41 9.64 -21.05 7.23
N LEU B 42 10.06 -19.86 7.66
CA LEU B 42 9.70 -18.64 6.94
C LEU B 42 10.34 -18.61 5.55
N TYR B 43 11.60 -19.07 5.45
CA TYR B 43 12.26 -19.10 4.16
C TYR B 43 11.55 -20.03 3.19
N THR B 44 10.99 -21.12 3.69
CA THR B 44 10.36 -22.11 2.84
C THR B 44 8.93 -21.75 2.48
N HIS B 45 8.15 -21.25 3.45
CA HIS B 45 6.72 -21.10 3.26
C HIS B 45 6.24 -19.66 3.27
N GLY B 46 7.05 -18.72 3.72
CA GLY B 46 6.58 -17.35 3.91
C GLY B 46 5.83 -17.20 5.21
N ALA B 47 5.35 -15.99 5.46
CA ALA B 47 4.57 -15.68 6.66
C ALA B 47 3.18 -15.22 6.24
N SER B 48 2.18 -15.90 6.76
CA SER B 48 0.79 -15.56 6.55
C SER B 48 0.52 -14.13 7.01
N PRO B 49 -0.60 -13.55 6.60
CA PRO B 49 -1.02 -12.26 7.20
C PRO B 49 -1.06 -12.26 8.72
N ASP B 50 -1.67 -13.27 9.35
CA ASP B 50 -1.74 -13.32 10.81
C ASP B 50 -0.36 -13.55 11.43
N SER B 51 0.42 -14.49 10.91
CA SER B 51 1.76 -14.70 11.45
C SER B 51 2.59 -13.43 11.34
N LEU B 52 2.46 -12.72 10.21
CA LEU B 52 3.18 -11.45 10.02
C LEU B 52 2.87 -10.49 11.15
N LEU B 53 1.59 -10.39 11.51
CA LEU B 53 1.16 -9.46 12.54
C LEU B 53 1.76 -9.83 13.89
N ARG B 54 1.76 -11.12 14.24
CA ARG B 54 2.41 -11.54 15.48
C ARG B 54 3.92 -11.32 15.42
N LEU B 55 4.55 -11.60 14.27
CA LEU B 55 5.98 -11.36 14.19
C LEU B 55 6.30 -9.87 14.31
N ALA B 56 5.46 -9.02 13.74
CA ALA B 56 5.71 -7.57 13.83
C ALA B 56 5.66 -7.10 15.28
N ASP B 57 4.71 -7.61 16.06
CA ASP B 57 4.66 -7.29 17.48
C ASP B 57 5.95 -7.69 18.17
N LEU B 58 6.45 -8.91 17.90
CA LEU B 58 7.70 -9.38 18.50
C LEU B 58 8.89 -8.52 18.08
N LEU B 59 8.90 -8.03 16.82
CA LEU B 59 9.96 -7.16 16.32
C LEU B 59 9.84 -5.73 16.78
N THR B 60 8.64 -5.29 17.17
CA THR B 60 8.36 -3.88 17.41
C THR B 60 8.21 -3.51 18.89
N LEU B 61 7.66 -4.40 19.72
CA LEU B 61 7.57 -4.12 21.15
C LEU B 61 8.87 -4.50 21.88
N ARG B 62 9.15 -3.77 22.95
CA ARG B 62 10.26 -4.12 23.82
C ARG B 62 10.04 -5.49 24.44
N ASN B 63 11.00 -6.39 24.23
CA ASN B 63 10.96 -7.69 24.87
C ASN B 63 12.41 -8.11 25.16
N HIS B 64 12.59 -9.36 25.60
CA HIS B 64 13.90 -9.85 25.95
C HIS B 64 14.64 -10.52 24.79
N LEU B 65 14.09 -10.50 23.58
CA LEU B 65 14.80 -11.09 22.45
C LEU B 65 16.08 -10.31 22.15
N ASP B 66 17.10 -11.01 21.66
CA ASP B 66 18.36 -10.37 21.33
C ASP B 66 18.34 -9.86 19.89
N GLN B 67 19.29 -8.97 19.61
CA GLN B 67 19.34 -8.29 18.32
C GLN B 67 19.57 -9.28 17.18
N ALA B 68 20.48 -10.24 17.37
CA ALA B 68 20.75 -11.22 16.32
C ALA B 68 19.49 -11.98 15.93
N SER B 69 18.69 -12.38 16.92
CA SER B 69 17.49 -13.15 16.63
C SER B 69 16.46 -12.30 15.92
N LEU B 70 16.31 -11.03 16.33
CA LEU B 70 15.36 -10.15 15.66
C LEU B 70 15.78 -9.91 14.22
N ALA B 71 17.07 -9.66 13.98
CA ALA B 71 17.54 -9.41 12.62
C ALA B 71 17.35 -10.66 11.75
N ALA B 72 17.55 -11.84 12.33
CA ALA B 72 17.35 -13.07 11.58
C ALA B 72 15.90 -13.19 11.13
N ILE B 73 14.96 -12.91 12.05
CA ILE B 73 13.54 -12.95 11.70
C ILE B 73 13.24 -11.92 10.62
N THR B 74 13.70 -10.68 10.81
CA THR B 74 13.41 -9.63 9.84
C THR B 74 13.90 -10.00 8.44
N ARG B 75 15.09 -10.60 8.36
CA ARG B 75 15.67 -10.91 7.05
C ARG B 75 14.95 -12.04 6.33
N ASN B 76 14.16 -12.84 7.05
CA ASN B 76 13.42 -13.96 6.45
C ASN B 76 11.91 -13.73 6.47
N LEU B 77 11.48 -12.48 6.61
CA LEU B 77 10.06 -12.13 6.70
C LEU B 77 9.43 -12.02 5.30
N TYR B 78 9.49 -13.11 4.55
CA TYR B 78 8.81 -13.18 3.26
C TYR B 78 7.32 -13.37 3.47
N PRO B 79 6.47 -12.44 3.06
CA PRO B 79 5.04 -12.69 3.16
C PRO B 79 4.60 -13.77 2.17
N SER B 80 3.80 -14.69 2.64
CA SER B 80 2.85 -15.32 1.75
C SER B 80 1.67 -14.37 1.68
N SER B 81 1.03 -14.32 0.54
CA SER B 81 -0.10 -13.37 0.28
C SER B 81 0.31 -11.95 0.68
N THR B 82 -0.56 -11.17 1.37
CA THR B 82 -0.50 -9.72 1.41
C THR B 82 0.13 -9.18 2.70
N VAL B 83 0.17 -7.85 2.81
CA VAL B 83 0.70 -7.15 3.98
C VAL B 83 -0.32 -6.13 4.47
N SER B 84 -0.73 -6.26 5.74
CA SER B 84 -1.84 -5.47 6.24
C SER B 84 -1.38 -4.09 6.73
N ASP B 85 -2.34 -3.17 6.85
CA ASP B 85 -2.08 -1.89 7.51
C ASP B 85 -1.62 -2.09 8.95
N GLU B 86 -2.26 -3.05 9.67
CA GLU B 86 -1.84 -3.33 11.04
C GLU B 86 -0.34 -3.61 11.11
N VAL B 87 0.18 -4.41 10.18
CA VAL B 87 1.61 -4.70 10.15
C VAL B 87 2.40 -3.43 9.78
N VAL B 88 1.99 -2.76 8.70
CA VAL B 88 2.74 -1.60 8.23
C VAL B 88 2.86 -0.56 9.35
N LEU B 89 1.72 -0.20 9.96
CA LEU B 89 1.72 0.88 10.95
C LEU B 89 2.61 0.54 12.14
N ARG B 90 2.65 -0.74 12.53
CA ARG B 90 3.51 -1.14 13.64
C ARG B 90 4.97 -0.85 13.32
N PHE B 91 5.39 -1.12 12.07
CA PHE B 91 6.77 -0.78 11.75
C PHE B 91 6.97 0.73 11.68
N ILE B 92 5.96 1.47 11.21
CA ILE B 92 6.09 2.93 11.16
C ILE B 92 6.18 3.50 12.57
N GLY B 93 5.35 3.00 13.50
CA GLY B 93 5.40 3.44 14.89
C GLY B 93 6.66 3.06 15.61
N ALA B 94 7.40 2.08 15.09
CA ALA B 94 8.72 1.71 15.61
C ALA B 94 9.82 2.72 15.30
N LEU B 95 9.59 3.71 14.44
CA LEU B 95 10.70 4.45 13.85
C LEU B 95 11.08 5.68 14.67
N GLY B 96 12.37 5.95 14.73
CA GLY B 96 12.88 7.14 15.42
C GLY B 96 13.41 6.81 16.80
N HIS B 97 13.58 7.86 17.61
CA HIS B 97 14.12 7.74 18.95
C HIS B 97 13.01 7.68 20.00
N GLY B 98 13.23 6.88 21.05
CA GLY B 98 12.27 6.74 22.14
C GLY B 98 12.44 5.46 22.91
N GLN B 99 12.13 5.45 24.22
CA GLN B 99 12.37 4.23 24.99
C GLN B 99 11.46 3.08 24.59
N LEU B 100 10.33 3.33 23.90
CA LEU B 100 9.50 2.24 23.40
C LEU B 100 10.00 1.64 22.10
N LYS B 101 10.97 2.29 21.40
CA LYS B 101 11.22 1.89 20.03
C LYS B 101 12.44 0.96 19.92
N PRO B 102 12.50 0.09 18.90
CA PRO B 102 13.70 -0.74 18.71
C PRO B 102 14.94 0.01 18.26
N THR B 103 16.05 -0.71 18.14
CA THR B 103 17.32 -0.13 17.69
C THR B 103 17.20 0.50 16.30
N LEU B 104 18.04 1.50 16.05
CA LEU B 104 18.08 2.10 14.72
C LEU B 104 18.47 1.06 13.66
N ALA B 105 19.32 0.10 14.01
CA ALA B 105 19.75 -0.90 13.03
C ALA B 105 18.59 -1.77 12.59
N LEU B 106 17.71 -2.17 13.52
CA LEU B 106 16.53 -2.91 13.09
C LEU B 106 15.60 -2.01 12.31
N GLN B 107 15.51 -0.74 12.71
CA GLN B 107 14.67 0.21 11.99
C GLN B 107 15.06 0.29 10.52
N ALA B 108 16.36 0.33 10.22
CA ALA B 108 16.78 0.34 8.82
C ALA B 108 16.34 -0.93 8.11
N LEU B 109 16.35 -2.07 8.82
CA LEU B 109 15.90 -3.32 8.21
C LEU B 109 14.40 -3.30 7.94
N PHE B 110 13.61 -2.70 8.85
CA PHE B 110 12.17 -2.63 8.65
C PHE B 110 11.84 -1.76 7.45
N LEU B 111 12.53 -0.63 7.34
CA LEU B 111 12.37 0.29 6.22
C LEU B 111 12.76 -0.38 4.90
N ARG B 112 13.89 -1.09 4.89
CA ARG B 112 14.28 -1.88 3.73
C ARG B 112 13.18 -2.88 3.39
N TRP B 113 12.63 -3.54 4.41
CA TRP B 113 11.58 -4.54 4.22
C TRP B 113 10.34 -3.91 3.59
N LEU B 114 9.90 -2.76 4.10
CA LEU B 114 8.72 -2.11 3.54
C LEU B 114 8.90 -1.79 2.05
N VAL B 115 10.12 -1.39 1.65
CA VAL B 115 10.35 -1.15 0.22
C VAL B 115 10.21 -2.44 -0.57
N MET B 116 10.73 -3.56 -0.02
CA MET B 116 10.70 -4.84 -0.74
C MET B 116 9.33 -5.47 -0.78
N VAL B 117 8.42 -5.12 0.13
CA VAL B 117 7.06 -5.66 0.10
C VAL B 117 6.04 -4.58 -0.26
N TYR B 118 6.50 -3.42 -0.73
CA TYR B 118 5.57 -2.32 -1.04
C TYR B 118 4.45 -2.77 -1.98
N HIS B 119 4.79 -3.60 -2.97
CA HIS B 119 3.81 -4.07 -3.93
C HIS B 119 2.81 -5.05 -3.34
N LEU B 120 3.00 -5.49 -2.09
CA LEU B 120 2.12 -6.49 -1.52
C LEU B 120 1.19 -5.92 -0.45
N LEU B 121 1.22 -4.61 -0.22
CA LEU B 121 0.35 -4.00 0.78
C LEU B 121 -1.08 -4.08 0.31
N GLU B 122 -1.99 -4.47 1.23
CA GLU B 122 -3.40 -4.43 0.89
C GLU B 122 -3.85 -3.02 0.59
N ASN B 123 -3.28 -2.04 1.31
CA ASN B 123 -3.75 -0.65 1.26
C ASN B 123 -2.51 0.22 1.20
N PRO B 124 -1.82 0.29 0.05
CA PRO B 124 -0.61 1.12 -0.04
C PRO B 124 -0.83 2.56 0.35
N GLY B 125 -2.07 3.08 0.18
CA GLY B 125 -2.38 4.41 0.65
C GLY B 125 -2.10 4.67 2.12
N VAL B 126 -2.05 3.62 2.96
CA VAL B 126 -1.87 3.86 4.39
C VAL B 126 -0.54 4.56 4.65
N LEU B 127 0.48 4.28 3.84
CA LEU B 127 1.73 5.00 3.98
C LEU B 127 1.57 6.47 3.62
N GLY B 128 0.67 6.80 2.67
CA GLY B 128 0.35 8.19 2.41
C GLY B 128 -0.28 8.89 3.60
N GLN B 129 -1.07 8.15 4.39
CA GLN B 129 -1.70 8.76 5.56
C GLN B 129 -0.73 9.01 6.71
N VAL B 130 0.44 8.39 6.71
CA VAL B 130 1.45 8.67 7.71
C VAL B 130 2.67 9.35 7.10
N TYR B 131 2.48 10.01 5.94
CA TYR B 131 3.61 10.53 5.19
C TYR B 131 4.45 11.47 6.04
N GLY B 132 3.81 12.31 6.85
CA GLY B 132 4.52 13.24 7.70
C GLY B 132 5.31 12.55 8.81
N VAL B 133 4.87 11.37 9.24
CA VAL B 133 5.66 10.64 10.23
C VAL B 133 6.98 10.17 9.61
N LEU B 134 6.90 9.60 8.40
CA LEU B 134 8.12 9.20 7.70
C LEU B 134 9.03 10.41 7.41
N PHE B 135 8.43 11.50 6.93
CA PHE B 135 9.24 12.60 6.41
C PHE B 135 9.98 13.34 7.52
N ASP B 136 9.31 13.59 8.64
CA ASP B 136 9.91 14.30 9.74
C ASP B 136 11.13 13.59 10.33
N LEU B 137 11.37 12.33 9.97
CA LEU B 137 12.51 11.55 10.45
C LEU B 137 13.74 11.60 9.53
N LEU B 138 13.70 12.36 8.42
CA LEU B 138 14.83 12.37 7.48
C LEU B 138 16.13 12.83 8.13
N ASP B 139 16.06 13.67 9.18
CA ASP B 139 17.26 14.08 9.92
C ASP B 139 18.07 12.90 10.49
N THR B 140 17.40 11.78 10.81
CA THR B 140 18.06 10.63 11.44
C THR B 140 18.93 9.91 10.42
N ALA B 141 20.22 10.14 10.49
CA ALA B 141 21.11 9.65 9.45
C ALA B 141 21.12 8.13 9.37
N ALA B 142 20.97 7.44 10.52
CA ALA B 142 21.10 5.99 10.54
C ALA B 142 20.02 5.29 9.71
N ILE B 143 18.87 5.93 9.49
CA ILE B 143 17.82 5.34 8.68
C ILE B 143 17.52 6.15 7.41
N ARG B 144 18.22 7.27 7.21
CA ARG B 144 17.88 8.18 6.11
C ARG B 144 17.88 7.50 4.74
N PRO B 145 18.88 6.70 4.35
CA PRO B 145 18.83 6.08 3.01
C PRO B 145 17.57 5.26 2.77
N GLN B 146 17.19 4.45 3.76
CA GLN B 146 16.01 3.62 3.61
C GLN B 146 14.73 4.46 3.64
N LEU B 147 14.71 5.50 4.47
CA LEU B 147 13.58 6.44 4.50
C LEU B 147 13.37 7.08 3.14
N CYS B 148 14.44 7.58 2.53
CA CYS B 148 14.31 8.25 1.24
C CYS B 148 13.73 7.32 0.19
N HIS B 149 14.20 6.07 0.14
CA HIS B 149 13.69 5.15 -0.87
C HIS B 149 12.20 4.89 -0.67
N LEU B 150 11.77 4.66 0.57
CA LEU B 150 10.35 4.45 0.84
C LEU B 150 9.54 5.70 0.52
N LEU B 151 10.00 6.86 1.00
CA LEU B 151 9.31 8.11 0.69
C LEU B 151 9.19 8.31 -0.82
N ALA B 152 10.20 7.90 -1.57
CA ALA B 152 10.17 8.09 -3.02
C ALA B 152 9.06 7.25 -3.64
N LEU B 153 8.79 6.05 -3.10
CA LEU B 153 7.66 5.26 -3.60
C LEU B 153 6.32 5.81 -3.12
N VAL B 154 6.28 6.45 -1.95
CA VAL B 154 5.03 6.88 -1.35
C VAL B 154 4.60 8.26 -1.84
N THR B 155 5.55 9.11 -2.27
CA THR B 155 5.22 10.51 -2.57
C THR B 155 4.21 10.61 -3.71
N ARG B 156 3.10 11.30 -3.44
CA ARG B 156 2.19 11.77 -4.46
C ARG B 156 2.10 13.28 -4.37
N ARG B 157 1.38 13.88 -5.31
CA ARG B 157 1.41 15.32 -5.46
C ARG B 157 0.91 16.01 -4.19
N LYS B 158 -0.10 15.44 -3.54
CA LYS B 158 -0.65 16.06 -2.34
C LYS B 158 0.38 16.17 -1.22
N HIS B 159 1.44 15.35 -1.24
CA HIS B 159 2.45 15.40 -0.19
C HIS B 159 3.53 16.45 -0.43
N VAL B 160 3.70 16.91 -1.67
CA VAL B 160 4.76 17.87 -1.97
C VAL B 160 4.28 19.26 -1.58
N ARG B 161 4.42 19.59 -0.32
CA ARG B 161 4.00 20.86 0.22
C ARG B 161 5.20 21.79 0.38
N PRO B 162 5.00 23.10 0.30
CA PRO B 162 6.15 24.02 0.40
C PRO B 162 7.03 23.80 1.61
N PHE B 163 6.45 23.52 2.80
CA PHE B 163 7.29 23.38 3.99
C PHE B 163 8.17 22.13 3.91
N ARG B 164 7.70 21.07 3.23
CA ARG B 164 8.57 19.91 3.00
C ARG B 164 9.60 20.18 1.90
N ILE B 165 9.25 20.98 0.90
CA ILE B 165 10.26 21.37 -0.07
C ILE B 165 11.40 22.10 0.62
N GLN B 166 11.06 23.09 1.46
CA GLN B 166 12.11 23.86 2.11
C GLN B 166 12.90 22.99 3.08
N ALA B 167 12.22 22.12 3.84
CA ALA B 167 12.93 21.30 4.81
C ALA B 167 13.93 20.38 4.12
N ILE B 168 13.56 19.81 2.97
CA ILE B 168 14.49 18.89 2.32
C ILE B 168 15.66 19.65 1.71
N LEU B 169 15.43 20.88 1.27
CA LEU B 169 16.53 21.64 0.69
C LEU B 169 17.54 22.03 1.78
N THR B 170 17.04 22.43 2.94
CA THR B 170 17.92 22.78 4.05
C THR B 170 18.73 21.56 4.50
N LEU B 171 18.07 20.41 4.61
CA LEU B 171 18.76 19.20 5.01
C LEU B 171 19.80 18.78 3.98
N SER B 172 19.51 18.97 2.70
CA SER B 172 20.51 18.68 1.67
C SER B 172 21.73 19.58 1.82
N ARG B 173 21.50 20.87 2.05
CA ARG B 173 22.63 21.79 2.23
C ARG B 173 23.44 21.44 3.49
N GLN B 174 22.76 21.17 4.61
CA GLN B 174 23.48 20.99 5.88
C GLN B 174 24.21 19.65 5.97
N THR B 175 23.76 18.64 5.26
CA THR B 175 24.50 17.39 5.18
C THR B 175 25.56 17.42 4.09
N GLY B 176 25.70 18.53 3.38
CA GLY B 176 26.66 18.57 2.30
C GLY B 176 26.22 17.80 1.08
N GLY B 177 24.92 17.55 0.94
CA GLY B 177 24.40 16.93 -0.27
C GLY B 177 24.25 15.43 -0.24
N ASP B 178 23.40 14.91 0.63
CA ASP B 178 23.13 13.48 0.60
C ASP B 178 22.51 13.09 -0.74
N PRO B 179 23.09 12.16 -1.49
CA PRO B 179 22.48 11.74 -2.77
C PRO B 179 21.11 11.06 -2.61
N ASN B 180 20.81 10.48 -1.44
CA ASN B 180 19.47 9.96 -1.20
C ASN B 180 18.45 11.08 -1.05
N LEU B 181 18.88 12.21 -0.47
CA LEU B 181 17.99 13.36 -0.40
C LEU B 181 17.73 13.95 -1.77
N THR B 182 18.76 13.98 -2.62
CA THR B 182 18.53 14.57 -3.93
C THR B 182 17.72 13.63 -4.82
N GLY B 183 17.81 12.32 -4.59
CA GLY B 183 16.90 11.38 -5.23
C GLY B 183 15.44 11.64 -4.86
N LEU B 184 15.17 11.92 -3.59
CA LEU B 184 13.80 12.25 -3.19
C LEU B 184 13.37 13.56 -3.81
N LEU B 185 14.25 14.57 -3.79
CA LEU B 185 13.91 15.84 -4.43
C LEU B 185 13.59 15.65 -5.90
N ARG B 186 14.23 14.68 -6.57
CA ARG B 186 13.89 14.40 -7.97
C ARG B 186 12.44 13.99 -8.09
N VAL B 187 11.98 13.12 -7.19
CA VAL B 187 10.58 12.69 -7.18
C VAL B 187 9.67 13.89 -6.95
N PHE B 188 10.03 14.75 -5.98
CA PHE B 188 9.28 15.98 -5.75
C PHE B 188 9.15 16.80 -7.04
N LYS B 189 10.25 16.94 -7.80
CA LYS B 189 10.23 17.77 -8.99
C LYS B 189 9.31 17.20 -10.07
N ASN B 190 9.14 15.87 -10.09
CA ASN B 190 8.21 15.26 -11.04
C ASN B 190 6.79 15.77 -10.86
N TYR B 191 6.41 16.15 -9.64
CA TYR B 191 5.10 16.74 -9.42
C TYR B 191 5.09 18.25 -9.57
N TYR B 192 6.18 18.92 -9.20
CA TYR B 192 6.28 20.38 -9.31
C TYR B 192 7.61 20.74 -9.95
N PRO B 193 7.66 20.80 -11.29
CA PRO B 193 8.95 21.11 -11.95
C PRO B 193 9.50 22.48 -11.62
N GLU B 194 8.70 23.37 -11.04
CA GLU B 194 9.17 24.68 -10.60
C GLU B 194 10.37 24.59 -9.66
N ILE B 195 10.50 23.47 -8.93
CA ILE B 195 11.57 23.31 -7.95
C ILE B 195 12.95 23.41 -8.60
N ILE B 196 13.91 23.97 -7.87
CA ILE B 196 15.31 23.97 -8.29
C ILE B 196 15.86 22.55 -8.18
N VAL B 197 16.49 22.07 -9.25
CA VAL B 197 16.93 20.68 -9.40
C VAL B 197 17.70 20.11 -8.20
N SER B 206 20.21 9.12 -6.11
CA SER B 206 20.21 7.79 -6.72
C SER B 206 18.79 7.35 -7.11
N ALA B 207 18.56 7.11 -8.40
CA ALA B 207 17.35 6.44 -8.83
C ALA B 207 17.27 5.10 -8.11
N PHE B 208 16.45 5.04 -7.06
CA PHE B 208 16.54 3.96 -6.08
C PHE B 208 16.28 2.60 -6.72
N LYS B 209 17.23 1.70 -6.57
CA LYS B 209 17.08 0.34 -7.06
C LYS B 209 16.72 -0.60 -5.91
N HIS B 210 16.21 -1.77 -6.29
CA HIS B 210 15.81 -2.74 -5.28
C HIS B 210 17.01 -3.10 -4.40
N PRO B 211 16.87 -3.10 -3.07
CA PRO B 211 18.05 -3.23 -2.20
C PRO B 211 18.61 -4.64 -2.11
N ASP B 212 17.88 -5.68 -2.52
CA ASP B 212 18.40 -7.03 -2.48
C ASP B 212 17.70 -7.90 -3.53
N PRO B 213 18.29 -8.02 -4.74
CA PRO B 213 17.66 -8.83 -5.79
C PRO B 213 17.42 -10.31 -5.44
N GLN B 214 18.27 -10.95 -4.65
CA GLN B 214 18.00 -12.36 -4.39
C GLN B 214 16.81 -12.52 -3.45
N TRP B 215 16.65 -11.60 -2.50
CA TRP B 215 15.44 -11.58 -1.68
C TRP B 215 14.20 -11.36 -2.54
N ARG B 216 14.29 -10.43 -3.50
CA ARG B 216 13.17 -10.19 -4.41
C ARG B 216 12.82 -11.45 -5.19
N GLN B 217 13.85 -12.16 -5.69
CA GLN B 217 13.58 -13.39 -6.42
C GLN B 217 12.97 -14.46 -5.51
N HIS B 218 13.44 -14.57 -4.27
CA HIS B 218 12.89 -15.58 -3.38
C HIS B 218 11.43 -15.26 -3.03
N LEU B 219 11.14 -14.00 -2.74
CA LEU B 219 9.75 -13.60 -2.50
C LEU B 219 8.86 -13.98 -3.67
N ASP B 220 9.33 -13.73 -4.90
CA ASP B 220 8.52 -14.01 -6.09
C ASP B 220 8.18 -15.49 -6.17
N GLU B 221 9.17 -16.36 -5.92
CA GLU B 221 8.89 -17.80 -5.90
C GLU B 221 7.80 -18.14 -4.89
N ILE B 222 7.95 -17.66 -3.66
CA ILE B 222 6.94 -17.92 -2.62
C ILE B 222 5.58 -17.42 -3.08
N GLN B 223 5.54 -16.17 -3.59
CA GLN B 223 4.28 -15.55 -3.97
C GLN B 223 3.57 -16.30 -5.09
N GLN B 224 4.29 -17.08 -5.89
CA GLN B 224 3.63 -17.74 -7.01
C GLN B 224 2.64 -18.80 -6.56
N ARG B 225 2.72 -19.24 -5.30
CA ARG B 225 1.78 -20.25 -4.83
C ARG B 225 0.35 -19.72 -4.75
N ARG B 226 0.17 -18.40 -4.71
CA ARG B 226 -1.15 -17.78 -4.68
C ARG B 226 -1.98 -18.01 -5.94
N SER B 227 -1.35 -18.39 -7.05
CA SER B 227 -2.10 -18.73 -8.27
C SER B 227 -2.61 -20.16 -8.23
N GLU B 228 -2.04 -21.00 -7.36
CA GLU B 228 -2.44 -22.39 -7.26
C GLU B 228 -3.68 -22.52 -6.39
N ALA B 229 -4.47 -23.53 -6.70
CA ALA B 229 -5.68 -23.84 -5.94
C ALA B 229 -6.11 -25.27 -6.29
N ARG C 1 -23.36 23.63 0.98
CA ARG C 1 -21.94 23.42 0.73
C ARG C 1 -21.35 22.32 1.62
N GLN C 2 -20.09 22.00 1.35
CA GLN C 2 -19.30 21.04 2.10
C GLN C 2 -18.51 21.70 3.23
N LYS C 3 -18.85 22.94 3.61
CA LYS C 3 -17.95 23.76 4.42
C LYS C 3 -18.03 23.41 5.91
N ASP C 4 -19.22 23.16 6.42
CA ASP C 4 -19.37 22.87 7.84
C ASP C 4 -18.87 21.48 8.21
N GLU C 5 -18.68 20.59 7.23
CA GLU C 5 -18.01 19.33 7.49
C GLU C 5 -16.53 19.56 7.77
N TRP C 6 -15.89 20.43 6.99
CA TRP C 6 -14.55 20.90 7.32
C TRP C 6 -14.52 21.69 8.61
N ALA C 7 -15.68 22.20 9.06
CA ALA C 7 -15.80 22.79 10.38
C ALA C 7 -16.13 21.74 11.43
N LYS C 8 -17.00 20.78 11.11
CA LYS C 8 -17.30 19.70 12.03
C LYS C 8 -16.05 18.85 12.28
N LYS C 9 -15.30 18.55 11.22
CA LYS C 9 -14.08 17.76 11.38
C LYS C 9 -13.07 18.49 12.26
N THR C 10 -12.99 19.83 12.12
CA THR C 10 -11.99 20.60 12.86
C THR C 10 -12.39 20.82 14.31
N SER C 11 -13.68 20.98 14.61
CA SER C 11 -14.09 21.05 15.99
C SER C 11 -13.94 19.70 16.68
N SER C 12 -14.23 18.62 15.96
CA SER C 12 -14.02 17.28 16.51
C SER C 12 -12.54 17.02 16.78
N LEU C 13 -11.69 17.30 15.79
CA LEU C 13 -10.26 17.07 15.93
C LEU C 13 -9.68 17.93 17.05
N MET C 14 -10.14 19.18 17.16
CA MET C 14 -9.59 20.07 18.17
C MET C 14 -9.88 19.55 19.58
N LYS C 15 -11.02 18.86 19.76
CA LYS C 15 -11.33 18.27 21.06
C LYS C 15 -10.48 17.03 21.32
N GLN C 16 -10.24 16.22 20.29
CA GLN C 16 -9.36 15.06 20.44
C GLN C 16 -7.94 15.49 20.81
N LEU C 17 -7.45 16.58 20.22
CA LEU C 17 -6.10 17.03 20.53
C LEU C 17 -6.03 17.51 21.96
N ASP C 18 -7.02 18.29 22.40
CA ASP C 18 -7.03 18.78 23.77
C ASP C 18 -7.15 17.64 24.77
N TRP C 19 -7.88 16.58 24.43
CA TRP C 19 -7.87 15.40 25.28
C TRP C 19 -6.47 14.80 25.37
N PHE C 20 -5.80 14.67 24.23
CA PHE C 20 -4.45 14.10 24.26
C PHE C 20 -3.50 14.96 25.09
N ILE C 21 -3.59 16.27 24.93
CA ILE C 21 -2.70 17.18 25.66
C ILE C 21 -2.95 17.04 27.16
N GLY C 22 -4.22 17.02 27.58
CA GLY C 22 -4.51 16.90 29.00
C GLY C 22 -4.12 15.54 29.56
N GLU C 23 -4.48 14.46 28.86
CA GLU C 23 -4.36 13.13 29.43
C GLU C 23 -2.93 12.59 29.34
N HIS C 24 -2.20 12.93 28.30
CA HIS C 24 -0.91 12.30 28.08
C HIS C 24 0.26 13.27 28.11
N LEU C 25 0.11 14.43 27.47
CA LEU C 25 1.27 15.28 27.27
C LEU C 25 1.62 16.04 28.54
N GLY C 26 0.64 16.71 29.15
CA GLY C 26 0.91 17.51 30.34
C GLY C 26 1.65 16.74 31.41
N ALA C 27 1.27 15.48 31.62
CA ALA C 27 2.01 14.61 32.53
C ALA C 27 3.47 14.48 32.11
N MET C 28 3.70 14.18 30.81
CA MET C 28 5.06 14.03 30.32
C MET C 28 5.86 15.31 30.49
N LEU C 29 5.23 16.46 30.32
CA LEU C 29 5.95 17.73 30.45
C LEU C 29 6.33 18.01 31.90
N ALA C 30 5.55 17.52 32.86
CA ALA C 30 5.90 17.72 34.27
C ALA C 30 7.28 17.14 34.58
N ALA C 31 7.49 15.87 34.26
CA ALA C 31 8.81 15.27 34.36
C ALA C 31 9.78 15.90 33.36
N GLU C 98 2.90 21.51 37.67
CA GLU C 98 2.03 20.35 37.74
C GLU C 98 1.48 20.00 36.35
N ALA C 99 0.90 18.81 36.22
CA ALA C 99 0.42 18.35 34.92
C ALA C 99 -0.68 19.24 34.37
N LEU C 100 -1.63 19.64 35.21
CA LEU C 100 -2.74 20.47 34.74
C LEU C 100 -2.22 21.80 34.20
N ALA C 101 -1.21 22.38 34.86
CA ALA C 101 -0.66 23.65 34.41
C ALA C 101 0.01 23.52 33.05
N ALA C 102 0.70 22.40 32.82
CA ALA C 102 1.36 22.19 31.53
C ALA C 102 0.34 22.07 30.40
N SER C 103 -0.77 21.36 30.65
CA SER C 103 -1.77 21.17 29.60
C SER C 103 -2.40 22.50 29.19
N ALA C 104 -2.68 23.36 30.18
CA ALA C 104 -3.35 24.63 29.89
C ALA C 104 -2.45 25.54 29.07
N GLU C 105 -1.15 25.54 29.36
CA GLU C 105 -0.25 26.44 28.65
C GLU C 105 0.13 25.89 27.27
N MET C 106 0.14 24.57 27.09
CA MET C 106 0.38 24.03 25.76
C MET C 106 -0.81 24.27 24.84
N ARG C 107 -2.02 24.21 25.36
CA ARG C 107 -3.20 24.45 24.52
C ARG C 107 -3.35 25.94 24.19
N ASP C 108 -3.12 26.81 25.17
CA ASP C 108 -3.09 28.24 24.89
C ASP C 108 -2.07 28.54 23.78
N LEU C 109 -0.88 27.95 23.88
CA LEU C 109 0.18 28.24 22.93
C LEU C 109 -0.16 27.73 21.54
N ILE C 110 -0.71 26.51 21.44
CA ILE C 110 -1.11 25.97 20.14
C ILE C 110 -2.24 26.80 19.55
N GLU C 111 -3.21 27.21 20.39
CA GLU C 111 -4.28 28.07 19.92
C GLU C 111 -3.74 29.38 19.38
N GLN C 112 -2.85 30.03 20.15
CA GLN C 112 -2.27 31.29 19.69
C GLN C 112 -1.47 31.08 18.42
N LEU C 113 -0.73 29.97 18.34
CA LEU C 113 0.08 29.70 17.16
C LEU C 113 -0.79 29.56 15.91
N MET C 114 -1.86 28.76 16.02
CA MET C 114 -2.68 28.49 14.84
C MET C 114 -3.49 29.70 14.45
N ASN C 115 -4.06 30.41 15.44
CA ASN C 115 -4.88 31.58 15.12
C ASN C 115 -4.08 32.59 14.33
N LYS C 116 -2.79 32.71 14.59
CA LYS C 116 -2.03 33.75 13.91
C LYS C 116 -1.67 33.31 12.50
N LEU C 117 -1.17 32.08 12.33
CA LEU C 117 -0.72 31.61 11.03
C LEU C 117 -1.72 31.99 9.93
N VAL C 118 -3.00 31.80 10.21
CA VAL C 118 -4.01 32.17 9.22
C VAL C 118 -4.18 33.69 9.17
N GLU C 119 -4.06 34.37 10.32
CA GLU C 119 -4.25 35.81 10.36
C GLU C 119 -3.30 36.54 9.42
N ALA C 120 -2.11 35.97 9.16
CA ALA C 120 -1.20 36.60 8.21
C ALA C 120 -1.63 36.34 6.78
N GLY C 121 -2.15 35.15 6.49
CA GLY C 121 -2.47 34.78 5.13
C GLY C 121 -1.23 34.70 4.26
N GLY C 122 -0.79 35.84 3.75
CA GLY C 122 0.40 35.88 2.91
C GLY C 122 1.65 36.38 3.60
N ASP C 123 1.50 37.32 4.54
CA ASP C 123 2.63 37.92 5.22
C ASP C 123 3.31 36.92 6.14
N ASN C 124 4.31 36.19 5.62
CA ASN C 124 4.99 35.17 6.41
C ASN C 124 5.70 35.76 7.62
N SER C 125 5.98 37.06 7.63
CA SER C 125 6.82 37.65 8.67
C SER C 125 6.06 37.90 9.97
N ALA C 126 4.76 38.13 9.90
CA ALA C 126 3.98 38.51 11.08
C ALA C 126 3.62 37.33 11.98
N THR C 127 3.93 36.09 11.61
CA THR C 127 3.39 34.94 12.32
C THR C 127 4.23 34.46 13.50
N TYR C 128 4.78 35.38 14.30
CA TYR C 128 5.59 35.03 15.47
C TYR C 128 4.89 35.50 16.75
N VAL C 129 4.74 34.59 17.72
CA VAL C 129 4.21 34.90 19.05
C VAL C 129 5.32 35.04 20.07
N GLU C 130 5.11 35.90 21.08
CA GLU C 130 6.08 36.04 22.16
C GLU C 130 5.96 34.89 23.16
N ILE C 131 7.11 34.41 23.63
CA ILE C 131 7.23 33.21 24.46
C ILE C 131 8.09 33.49 25.69
N PRO C 132 7.76 32.94 26.86
CA PRO C 132 8.67 33.06 28.00
C PRO C 132 10.01 32.38 27.72
N ARG C 133 11.05 32.87 28.41
CA ARG C 133 12.42 32.48 28.13
C ARG C 133 12.60 30.97 28.03
N GLU C 134 12.14 30.23 29.04
CA GLU C 134 12.40 28.80 29.12
C GLU C 134 11.10 28.01 29.06
N SER C 135 10.28 28.25 28.04
CA SER C 135 8.99 27.58 27.94
C SER C 135 9.19 26.17 27.36
N ALA C 136 8.88 25.16 28.16
CA ALA C 136 9.02 23.78 27.70
C ALA C 136 8.05 23.45 26.58
N ALA C 137 6.89 24.12 26.57
CA ALA C 137 5.91 23.89 25.50
C ALA C 137 6.53 24.16 24.14
N ALA C 138 7.19 25.30 24.00
CA ALA C 138 7.79 25.68 22.73
C ALA C 138 8.89 24.71 22.34
N ARG C 139 9.77 24.36 23.29
CA ARG C 139 10.80 23.35 23.01
C ARG C 139 10.18 22.07 22.46
N PHE C 140 9.13 21.56 23.12
CA PHE C 140 8.50 20.34 22.62
C PHE C 140 7.91 20.55 21.23
N LEU C 141 7.27 21.70 20.99
CA LEU C 141 6.67 21.94 19.69
C LEU C 141 7.72 22.08 18.61
N VAL C 142 8.87 22.63 18.94
CA VAL C 142 9.94 22.77 17.97
C VAL C 142 10.63 21.42 17.74
N ARG C 143 10.79 20.62 18.81
CA ARG C 143 11.36 19.30 18.64
C ARG C 143 10.43 18.36 17.89
N SER C 144 9.11 18.51 18.06
CA SER C 144 8.13 17.74 17.29
C SER C 144 7.91 18.27 15.87
N LYS C 145 8.66 19.30 15.45
CA LYS C 145 8.54 19.90 14.11
C LYS C 145 7.14 20.44 13.81
N VAL C 146 6.45 20.96 14.83
CA VAL C 146 5.18 21.65 14.60
C VAL C 146 5.35 23.17 14.68
N ALA C 147 6.46 23.67 15.23
CA ALA C 147 6.72 25.10 15.33
C ALA C 147 8.20 25.36 15.13
N MET C 148 8.54 26.62 14.82
CA MET C 148 9.92 27.03 14.58
C MET C 148 10.20 28.35 15.29
N PHE C 149 11.34 28.42 15.97
CA PHE C 149 11.79 29.70 16.52
C PHE C 149 12.14 30.67 15.40
N HIS C 150 12.15 31.94 15.74
CA HIS C 150 12.73 32.93 14.84
C HIS C 150 14.24 32.76 14.82
N PRO C 151 14.88 32.76 13.65
CA PRO C 151 16.35 32.63 13.63
C PRO C 151 17.07 33.71 14.44
N ASN C 152 16.63 34.97 14.35
CA ASN C 152 17.37 36.06 14.97
C ASN C 152 17.25 36.05 16.49
N ASP C 153 16.13 35.54 17.02
CA ASP C 153 15.93 35.45 18.46
C ASP C 153 14.88 34.39 18.76
N ALA C 154 15.07 33.67 19.88
CA ALA C 154 14.31 32.47 20.16
C ALA C 154 13.13 32.69 21.09
N ARG C 155 12.67 33.94 21.24
CA ARG C 155 11.51 34.23 22.08
C ARG C 155 10.24 34.47 21.28
N ARG C 156 10.34 34.49 19.96
CA ARG C 156 9.16 34.42 19.11
C ARG C 156 9.19 33.13 18.31
N LEU C 157 8.02 32.76 17.79
CA LEU C 157 7.77 31.37 17.47
C LEU C 157 6.57 31.30 16.53
N ARG C 158 6.72 30.53 15.44
CA ARG C 158 5.68 30.39 14.42
C ARG C 158 5.35 28.91 14.22
N LEU C 159 4.16 28.66 13.69
CA LEU C 159 3.81 27.32 13.26
C LEU C 159 4.33 27.09 11.84
N VAL C 160 4.49 25.80 11.50
CA VAL C 160 5.22 25.35 10.32
C VAL C 160 4.44 25.58 9.03
N ASP C 161 3.17 25.97 9.13
CA ASP C 161 2.30 26.24 7.98
C ASP C 161 2.00 24.94 7.22
N PHE C 162 1.29 24.04 7.89
CA PHE C 162 0.83 22.82 7.23
C PHE C 162 -0.30 23.11 6.24
N GLY C 163 -1.08 24.16 6.51
CA GLY C 163 -2.27 24.42 5.71
C GLY C 163 -1.96 24.92 4.32
N ARG C 164 -0.89 25.68 4.15
CA ARG C 164 -0.51 26.21 2.84
C ARG C 164 -0.23 25.07 1.87
N ASP C 165 -0.88 25.13 0.72
CA ASP C 165 -0.66 24.16 -0.34
C ASP C 165 -0.66 24.90 -1.67
N LEU C 166 0.11 24.38 -2.62
CA LEU C 166 0.29 25.04 -3.90
C LEU C 166 -0.99 24.97 -4.75
N ASP C 167 -1.75 23.89 -4.62
CA ASP C 167 -2.97 23.64 -5.40
C ASP C 167 -4.19 23.60 -4.46
N ASP C 168 -4.11 24.30 -3.34
CA ASP C 168 -5.18 24.23 -2.32
C ASP C 168 -6.44 24.85 -2.86
N HIS D 1 -17.09 34.19 -3.33
CA HIS D 1 -18.11 33.32 -2.75
C HIS D 1 -17.52 32.09 -2.05
N GLU D 2 -16.50 31.50 -2.66
CA GLU D 2 -16.03 30.18 -2.24
C GLU D 2 -14.80 30.24 -1.34
N ALA D 3 -14.23 31.43 -1.11
CA ALA D 3 -13.09 31.56 -0.21
C ALA D 3 -13.38 31.03 1.20
N GLU D 4 -14.65 30.90 1.56
CA GLU D 4 -15.02 30.37 2.87
C GLU D 4 -14.76 28.87 2.96
N MET D 5 -15.13 28.13 1.92
CA MET D 5 -14.91 26.68 1.88
C MET D 5 -13.47 26.33 2.23
N LYS D 6 -12.53 26.75 1.39
CA LYS D 6 -11.15 26.35 1.55
C LYS D 6 -10.52 26.96 2.79
N SER D 7 -11.12 28.04 3.33
CA SER D 7 -10.65 28.57 4.61
C SER D 7 -10.95 27.59 5.74
N ASN D 8 -12.18 27.06 5.78
CA ASN D 8 -12.51 26.01 6.72
C ASN D 8 -11.72 24.74 6.41
N ARG D 9 -11.60 24.37 5.13
CA ARG D 9 -10.86 23.17 4.78
C ARG D 9 -9.37 23.31 5.12
N ARG D 10 -8.80 24.50 4.91
CA ARG D 10 -7.41 24.71 5.32
C ARG D 10 -7.27 24.63 6.83
N ARG D 11 -8.22 25.21 7.59
CA ARG D 11 -8.14 25.18 9.04
C ARG D 11 -8.04 23.74 9.58
N TRP D 12 -8.64 22.78 8.87
CA TRP D 12 -8.46 21.39 9.25
C TRP D 12 -7.05 20.91 8.91
N ARG D 13 -6.51 21.33 7.75
CA ARG D 13 -5.16 20.97 7.37
C ARG D 13 -4.15 21.36 8.43
N ILE D 14 -4.31 22.55 9.04
CA ILE D 14 -3.36 22.99 10.06
C ILE D 14 -3.51 22.13 11.32
N MET D 15 -4.74 21.84 11.73
CA MET D 15 -4.92 21.06 12.95
C MET D 15 -4.40 19.64 12.76
N LYS D 16 -4.72 19.02 11.62
CA LYS D 16 -4.29 17.65 11.42
C LYS D 16 -2.77 17.55 11.33
N GLY D 17 -2.13 18.51 10.66
CA GLY D 17 -0.67 18.51 10.60
C GLY D 17 -0.04 18.65 11.97
N ALA D 18 -0.57 19.56 12.79
CA ALA D 18 0.01 19.79 14.11
C ALA D 18 -0.36 18.69 15.09
N ALA D 19 -1.60 18.18 15.01
CA ALA D 19 -2.01 17.13 15.93
C ALA D 19 -1.22 15.85 15.68
N SER D 20 -1.00 15.53 14.40
CA SER D 20 -0.26 14.32 14.05
C SER D 20 1.18 14.40 14.51
N ALA D 21 1.87 15.51 14.19
CA ALA D 21 3.25 15.66 14.64
C ALA D 21 3.36 15.71 16.17
N ILE D 22 2.33 16.21 16.87
CA ILE D 22 2.38 16.28 18.33
C ILE D 22 2.28 14.87 18.94
N VAL D 23 1.34 14.06 18.45
CA VAL D 23 1.18 12.72 18.99
C VAL D 23 2.37 11.84 18.59
N ALA D 24 2.78 11.90 17.32
CA ALA D 24 3.95 11.14 16.89
C ALA D 24 5.23 11.62 17.57
N GLY D 25 5.29 12.88 17.97
CA GLY D 25 6.43 13.40 18.68
C GLY D 25 6.43 13.16 20.17
N SER D 26 5.36 12.62 20.72
CA SER D 26 5.33 12.47 22.18
C SER D 26 6.10 11.24 22.64
N GLY D 27 6.38 10.30 21.74
CA GLY D 27 6.98 9.03 22.12
C GLY D 27 6.00 7.93 22.47
N ILE D 28 4.70 8.24 22.53
CA ILE D 28 3.68 7.27 22.92
C ILE D 28 3.37 6.34 21.76
N ASP D 29 3.08 5.09 22.09
CA ASP D 29 2.67 4.10 21.09
C ASP D 29 1.33 4.52 20.50
N TRP D 30 1.34 5.30 19.41
CA TRP D 30 0.06 5.76 18.86
C TRP D 30 -0.58 4.74 17.93
N VAL D 31 0.10 3.62 17.65
CA VAL D 31 -0.39 2.64 16.70
C VAL D 31 -1.42 1.73 17.33
N ARG D 32 -1.20 1.35 18.60
CA ARG D 32 -2.05 0.36 19.25
C ARG D 32 -3.13 0.98 20.11
N ASP D 33 -3.42 2.28 19.94
CA ASP D 33 -4.61 2.90 20.52
C ASP D 33 -5.39 3.58 19.41
N GLU D 34 -6.66 3.18 19.25
CA GLU D 34 -7.48 3.71 18.16
C GLU D 34 -7.60 5.23 18.23
N ARG D 35 -7.80 5.78 19.43
CA ARG D 35 -7.90 7.23 19.56
C ARG D 35 -6.62 7.91 19.06
N LEU D 36 -5.46 7.47 19.56
CA LEU D 36 -4.20 8.05 19.12
C LEU D 36 -3.95 7.83 17.64
N ARG D 37 -4.38 6.68 17.11
CA ARG D 37 -4.12 6.40 15.69
C ARG D 37 -4.94 7.32 14.79
N ASP D 38 -6.20 7.56 15.15
CA ASP D 38 -7.01 8.51 14.40
C ASP D 38 -6.40 9.91 14.42
N LEU D 39 -5.78 10.28 15.55
CA LEU D 39 -5.12 11.58 15.63
C LEU D 39 -3.97 11.68 14.63
N VAL D 40 -3.21 10.59 14.46
CA VAL D 40 -2.00 10.64 13.64
C VAL D 40 -2.34 10.48 12.16
N LEU D 41 -3.19 9.51 11.81
CA LEU D 41 -3.41 9.21 10.40
C LEU D 41 -4.10 10.36 9.68
N ASP D 42 -3.55 10.76 8.53
CA ASP D 42 -4.23 11.67 7.63
C ASP D 42 -5.41 10.95 6.98
N LEU D 43 -6.28 11.70 6.28
CA LEU D 43 -7.38 11.05 5.59
C LEU D 43 -6.89 10.37 4.30
N PRO D 44 -7.60 9.32 3.84
CA PRO D 44 -7.27 8.63 2.58
C PRO D 44 -7.43 9.54 1.36
#